data_4UUA
#
_entry.id   4UUA
#
_cell.length_a   87.190
_cell.length_b   87.190
_cell.length_c   313.870
_cell.angle_alpha   90.00
_cell.angle_beta   90.00
_cell.angle_gamma   120.00
#
_symmetry.space_group_name_H-M   'P 65 2 2'
#
loop_
_entity.id
_entity.type
_entity.pdbx_description
1 polymer 'NAD-DEPENDENT PROTEIN DEACYLASE SIRTUIN-5, MITOCHONDRIAL'
2 polymer 'CARBAMOYLPHOSPHATE SYNTHETASE I'
3 non-polymer 'ZINC ION'
4 non-polymer 1,2-ETHANEDIOL
5 non-polymer '4-(2-HYDROXYETHYL)-1-PIPERAZINE ETHANESULFONIC ACID'
6 non-polymer 'DIMETHYL SULFOXIDE'
7 non-polymer 'SODIUM ION'
8 non-polymer 'N-[(benzyloxy)carbonyl]-L-aspartic acid'
9 water water
#
loop_
_entity_poly.entity_id
_entity_poly.type
_entity_poly.pdbx_seq_one_letter_code
_entity_poly.pdbx_strand_id
1 'polypeptide(L)'
;GIDPFTTRPSSDLTAFREHFAKAKHIAIITGAGVSAESGVPTFRGPGGFWRKWQAQDLATPEAFSRDPSLVWEFYHYRRE
VMRSKMPNPAHLAIAECEARLGQQGRSVVIITQNIDELHHRAGSKHVYEIHGSLFKTRCMSCGEVKANHKSPICPALDGK
GAPDPNTKEARIPVELLPRCERKSCNGLLRPHVVWFGETLDSDILTAVERELEKCDLCLVVGTSSIVYPAAMFAPQVASR
GVPVAEFNMECTPATQRFKYHFEGPCGSTLPPALE
;
A,B
2 'polypeptide(L)' (BEZ)GVLKEYGV D
#
loop_
_chem_comp.id
_chem_comp.type
_chem_comp.name
_chem_comp.formula
BEZ non-polymer 'BENZOIC ACID' 'C7 H6 O2'
DMS non-polymer 'DIMETHYL SULFOXIDE' 'C2 H6 O S'
EDO non-polymer 1,2-ETHANEDIOL 'C2 H6 O2'
EPE non-polymer '4-(2-HYDROXYETHYL)-1-PIPERAZINE ETHANESULFONIC ACID' 'C8 H18 N2 O4 S'
NA non-polymer 'SODIUM ION' 'Na 1'
NX6 non-polymer 'N-[(benzyloxy)carbonyl]-L-aspartic acid' 'C12 H13 N O6'
ZN non-polymer 'ZINC ION' 'Zn 2'
#
# COMPACT_ATOMS: atom_id res chain seq x y z
N ASP A 12 9.35 23.99 9.54
CA ASP A 12 10.47 23.84 8.57
C ASP A 12 10.87 22.37 8.42
N LEU A 13 10.64 21.84 7.23
CA LEU A 13 10.90 20.44 6.88
C LEU A 13 12.39 20.15 6.88
N THR A 14 13.16 21.00 6.20
CA THR A 14 14.61 20.88 6.09
C THR A 14 15.24 20.51 7.41
N ALA A 15 14.75 21.17 8.46
CA ALA A 15 15.19 20.89 9.81
C ALA A 15 14.84 19.47 10.20
N PHE A 16 13.59 19.10 10.06
CA PHE A 16 13.19 17.74 10.36
C PHE A 16 14.09 16.77 9.62
N ARG A 17 14.31 17.02 8.34
CA ARG A 17 15.03 16.05 7.55
C ARG A 17 16.44 15.84 8.06
N GLU A 18 17.08 16.92 8.50
CA GLU A 18 18.41 16.83 9.07
C GLU A 18 18.45 15.85 10.22
N HIS A 19 17.47 15.92 11.10
CA HIS A 19 17.39 14.96 12.19
C HIS A 19 17.14 13.58 11.68
N PHE A 20 16.20 13.46 10.78
CA PHE A 20 15.90 12.18 10.18
C PHE A 20 17.18 11.52 9.67
N ALA A 21 18.00 12.31 8.98
CA ALA A 21 19.26 11.81 8.38
C ALA A 21 20.23 11.21 9.41
N LYS A 22 20.30 11.81 10.59
CA LYS A 22 21.21 11.35 11.62
C LYS A 22 20.59 10.22 12.41
N ALA A 23 19.27 10.23 12.59
CA ALA A 23 18.61 9.32 13.51
C ALA A 23 18.99 7.85 13.29
N LYS A 24 19.28 7.12 14.37
CA LYS A 24 19.57 5.69 14.36
C LYS A 24 18.43 4.81 14.94
N HIS A 25 17.52 5.39 15.70
CA HIS A 25 16.41 4.62 16.23
C HIS A 25 15.14 5.46 16.27
N ILE A 26 14.25 5.17 15.33
CA ILE A 26 13.06 5.93 15.17
C ILE A 26 11.91 5.12 15.71
N ALA A 27 11.03 5.80 16.45
CA ALA A 27 9.80 5.23 16.90
C ALA A 27 8.66 6.06 16.34
N ILE A 28 7.66 5.37 15.82
CA ILE A 28 6.59 6.01 15.16
C ILE A 28 5.36 5.55 15.85
N ILE A 29 4.67 6.49 16.43
CA ILE A 29 3.41 6.25 17.08
C ILE A 29 2.26 6.66 16.19
N THR A 30 1.36 5.73 15.93
CA THR A 30 0.30 6.00 14.99
C THR A 30 -1.06 5.81 15.58
N GLY A 31 -1.92 6.79 15.35
CA GLY A 31 -3.30 6.81 15.90
C GLY A 31 -4.35 6.81 14.82
N ALA A 32 -5.58 7.13 15.19
CA ALA A 32 -6.73 6.92 14.27
C ALA A 32 -6.71 7.60 12.90
N GLY A 33 -6.03 8.74 12.78
CA GLY A 33 -6.06 9.55 11.56
C GLY A 33 -5.46 8.82 10.37
N VAL A 34 -4.61 7.85 10.71
CA VAL A 34 -3.92 7.06 9.73
C VAL A 34 -4.84 6.02 9.13
N SER A 35 -5.65 5.39 9.97
CA SER A 35 -6.62 4.44 9.47
C SER A 35 -7.81 5.18 8.87
N ALA A 36 -8.08 6.39 9.34
CA ALA A 36 -9.18 7.18 8.76
C ALA A 36 -8.89 7.42 7.30
N GLU A 37 -7.65 7.76 6.97
CA GLU A 37 -7.31 8.09 5.59
C GLU A 37 -7.37 6.91 4.62
N SER A 38 -7.40 5.71 5.17
CA SER A 38 -7.65 4.52 4.39
C SER A 38 -9.14 4.18 4.33
N GLY A 39 -9.97 4.97 5.00
CA GLY A 39 -11.40 4.83 4.89
C GLY A 39 -12.03 3.95 5.95
N VAL A 40 -11.27 3.60 6.98
CA VAL A 40 -11.73 2.73 8.07
C VAL A 40 -12.65 3.49 9.04
N PRO A 41 -13.90 3.01 9.18
CA PRO A 41 -14.84 3.60 10.12
C PRO A 41 -14.40 3.34 11.54
N THR A 42 -14.47 4.37 12.39
CA THR A 42 -14.04 4.21 13.78
C THR A 42 -15.23 4.19 14.71
N PHE A 43 -16.37 4.62 14.22
CA PHE A 43 -17.58 4.56 15.00
C PHE A 43 -17.50 5.39 16.29
N ARG A 44 -16.53 6.29 16.36
CA ARG A 44 -16.23 7.03 17.55
C ARG A 44 -16.24 8.50 17.15
N GLY A 45 -17.42 9.02 16.91
CA GLY A 45 -17.55 10.35 16.38
C GLY A 45 -18.97 10.50 15.90
N PRO A 46 -19.34 11.72 15.47
CA PRO A 46 -20.73 11.99 15.10
C PRO A 46 -21.11 11.30 13.79
N GLY A 47 -22.18 10.52 13.83
CA GLY A 47 -22.65 9.75 12.65
C GLY A 47 -21.84 8.49 12.35
N GLY A 48 -20.89 8.15 13.22
CA GLY A 48 -20.15 6.89 13.09
C GLY A 48 -20.94 5.86 13.87
N PHE A 49 -22.13 5.54 13.42
CA PHE A 49 -22.96 4.57 14.13
C PHE A 49 -22.85 3.27 13.40
N TRP A 50 -23.21 2.19 14.08
CA TRP A 50 -23.38 0.88 13.46
C TRP A 50 -24.70 0.38 13.95
N ARG A 51 -25.65 0.25 13.05
CA ARG A 51 -27.03 0.12 13.43
C ARG A 51 -27.34 1.29 14.39
N LYS A 52 -27.91 0.99 15.56
CA LYS A 52 -28.34 2.04 16.49
C LYS A 52 -27.18 2.54 17.33
N TRP A 53 -26.07 1.78 17.38
CA TRP A 53 -25.05 1.95 18.44
C TRP A 53 -23.75 2.53 17.99
N GLN A 54 -23.00 3.06 18.95
CA GLN A 54 -21.64 3.56 18.75
C GLN A 54 -20.71 2.60 19.44
N ALA A 55 -19.44 2.69 19.07
CA ALA A 55 -18.42 1.79 19.59
C ALA A 55 -18.47 1.60 21.11
N GLN A 56 -18.58 2.71 21.84
CA GLN A 56 -18.52 2.64 23.29
C GLN A 56 -19.71 1.88 23.89
N ASP A 57 -20.77 1.66 23.12
CA ASP A 57 -21.86 0.81 23.58
C ASP A 57 -21.44 -0.67 23.44
N LEU A 58 -20.69 -0.99 22.40
CA LEU A 58 -20.45 -2.39 22.06
C LEU A 58 -19.07 -2.89 22.44
N ALA A 59 -18.06 -2.04 22.36
CA ALA A 59 -16.73 -2.44 22.73
C ALA A 59 -16.54 -2.35 24.28
N THR A 60 -17.08 -3.33 25.00
CA THR A 60 -17.00 -3.41 26.46
C THR A 60 -17.22 -4.87 26.83
N PRO A 61 -16.68 -5.33 27.97
CA PRO A 61 -16.97 -6.72 28.33
C PRO A 61 -18.40 -6.93 28.71
N GLU A 62 -19.06 -5.88 29.21
CA GLU A 62 -20.47 -5.94 29.63
C GLU A 62 -21.34 -6.23 28.43
N ALA A 63 -21.11 -5.49 27.36
CA ALA A 63 -21.83 -5.72 26.10
C ALA A 63 -21.68 -7.18 25.61
N PHE A 64 -20.47 -7.69 25.69
CA PHE A 64 -20.12 -9.01 25.22
C PHE A 64 -20.74 -10.08 26.09
N SER A 65 -20.58 -9.93 27.39
CA SER A 65 -21.22 -10.85 28.32
C SER A 65 -22.72 -10.91 28.05
N ARG A 66 -23.34 -9.73 27.97
CA ARG A 66 -24.77 -9.56 27.80
C ARG A 66 -25.22 -10.00 26.42
N ASP A 67 -24.52 -9.63 25.37
CA ASP A 67 -25.01 -9.96 24.01
C ASP A 67 -23.87 -10.31 23.04
N PRO A 68 -23.30 -11.49 23.19
CA PRO A 68 -22.17 -11.85 22.33
C PRO A 68 -22.47 -11.87 20.82
N SER A 69 -23.67 -12.28 20.43
CA SER A 69 -24.03 -12.30 19.00
C SER A 69 -23.82 -10.93 18.42
N LEU A 70 -24.49 -9.95 19.01
CA LEU A 70 -24.44 -8.56 18.57
C LEU A 70 -23.03 -8.00 18.50
N VAL A 71 -22.27 -8.24 19.54
CA VAL A 71 -20.90 -7.76 19.54
C VAL A 71 -20.13 -8.45 18.42
N TRP A 72 -20.28 -9.77 18.31
CA TRP A 72 -19.63 -10.46 17.23
C TRP A 72 -20.10 -9.94 15.87
N GLU A 73 -21.39 -9.73 15.67
CA GLU A 73 -21.83 -9.18 14.40
C GLU A 73 -21.03 -7.94 14.06
N PHE A 74 -20.86 -7.09 15.06
CA PHE A 74 -20.15 -5.83 14.93
C PHE A 74 -18.73 -6.08 14.46
N TYR A 75 -17.99 -6.88 15.19
CA TYR A 75 -16.61 -7.17 14.82
C TYR A 75 -16.49 -7.94 13.50
N HIS A 76 -17.48 -8.77 13.16
CA HIS A 76 -17.50 -9.42 11.84
C HIS A 76 -17.56 -8.33 10.78
N TYR A 77 -18.55 -7.48 10.86
CA TYR A 77 -18.63 -6.38 9.95
C TYR A 77 -17.28 -5.70 9.82
N ARG A 78 -16.63 -5.41 10.92
CA ARG A 78 -15.46 -4.60 10.89
C ARG A 78 -14.30 -5.34 10.26
N ARG A 79 -14.25 -6.66 10.49
CA ARG A 79 -13.27 -7.52 9.85
C ARG A 79 -13.51 -7.56 8.35
N GLU A 80 -14.77 -7.56 7.92
CA GLU A 80 -15.09 -7.69 6.52
C GLU A 80 -14.90 -6.41 5.76
N VAL A 81 -15.16 -5.26 6.35
CA VAL A 81 -14.95 -4.02 5.59
C VAL A 81 -13.47 -3.88 5.24
N MET A 82 -12.61 -4.59 5.97
CA MET A 82 -11.20 -4.45 5.77
C MET A 82 -10.72 -5.07 4.48
N ARG A 83 -11.50 -6.01 3.95
CA ARG A 83 -11.12 -6.63 2.68
C ARG A 83 -11.10 -5.58 1.54
N SER A 84 -11.73 -4.42 1.72
CA SER A 84 -11.69 -3.39 0.71
C SER A 84 -11.00 -2.08 1.08
N LYS A 85 -10.55 -1.90 2.32
CA LYS A 85 -9.77 -0.70 2.64
C LYS A 85 -8.32 -1.08 2.53
N MET A 86 -7.53 -0.24 1.86
CA MET A 86 -6.12 -0.57 1.67
C MET A 86 -5.21 0.41 2.45
N PRO A 87 -3.97 -0.02 2.79
CA PRO A 87 -2.93 0.88 3.29
C PRO A 87 -2.81 2.10 2.45
N ASN A 88 -2.66 3.27 3.04
CA ASN A 88 -2.51 4.49 2.27
C ASN A 88 -1.03 4.79 2.16
N PRO A 89 -0.70 5.85 1.45
CA PRO A 89 0.70 6.15 1.29
C PRO A 89 1.52 6.34 2.57
N ALA A 90 0.90 6.69 3.69
CA ALA A 90 1.60 6.91 4.95
C ALA A 90 2.03 5.55 5.48
N HIS A 91 1.12 4.57 5.41
CA HIS A 91 1.43 3.20 5.85
C HIS A 91 2.62 2.64 5.12
N LEU A 92 2.64 2.90 3.84
CA LEU A 92 3.66 2.39 2.98
C LEU A 92 4.95 3.09 3.18
N ALA A 93 4.87 4.42 3.30
CA ALA A 93 6.07 5.21 3.43
C ALA A 93 6.81 4.75 4.67
N ILE A 94 6.05 4.51 5.73
CA ILE A 94 6.60 4.00 6.94
C ILE A 94 7.27 2.67 6.67
N ALA A 95 6.53 1.73 6.08
CA ALA A 95 7.07 0.37 5.92
C ALA A 95 8.31 0.36 5.07
N GLU A 96 8.35 1.20 4.07
CA GLU A 96 9.48 1.18 3.17
C GLU A 96 10.65 1.82 3.84
N CYS A 97 10.36 2.80 4.68
CA CYS A 97 11.38 3.44 5.49
C CYS A 97 12.04 2.41 6.41
N GLU A 98 11.22 1.69 7.15
CA GLU A 98 11.72 0.68 8.05
C GLU A 98 12.72 -0.24 7.34
N ALA A 99 12.27 -0.77 6.21
CA ALA A 99 13.07 -1.68 5.41
C ALA A 99 14.34 -1.01 4.96
N ARG A 100 14.23 0.18 4.35
CA ARG A 100 15.42 0.87 3.86
C ARG A 100 16.45 1.10 4.97
N LEU A 101 15.99 1.48 6.15
CA LEU A 101 16.90 1.83 7.21
C LEU A 101 17.50 0.60 7.87
N GLY A 102 16.71 -0.46 8.02
CA GLY A 102 17.19 -1.72 8.57
C GLY A 102 18.39 -2.26 7.83
N GLN A 103 18.39 -2.04 6.52
CA GLN A 103 19.52 -2.43 5.68
C GLN A 103 20.77 -1.69 6.08
N GLN A 104 20.54 -0.47 6.57
CA GLN A 104 21.63 0.42 7.01
C GLN A 104 21.91 0.27 8.48
N GLY A 105 21.32 -0.71 9.13
CA GLY A 105 21.56 -0.93 10.55
C GLY A 105 20.79 -0.01 11.48
N ARG A 106 19.98 0.88 10.93
CA ARG A 106 19.14 1.77 11.73
C ARG A 106 17.78 1.15 11.97
N SER A 107 17.16 1.52 13.07
CA SER A 107 15.95 0.83 13.54
C SER A 107 14.73 1.71 13.33
N VAL A 108 13.57 1.08 13.03
CA VAL A 108 12.27 1.79 12.98
C VAL A 108 11.18 0.93 13.60
N VAL A 109 10.42 1.48 14.53
CA VAL A 109 9.36 0.71 15.18
C VAL A 109 8.09 1.48 15.17
N ILE A 110 7.01 0.73 15.26
CA ILE A 110 5.72 1.30 15.18
C ILE A 110 4.96 0.90 16.41
N ILE A 111 4.39 1.90 17.01
CA ILE A 111 3.55 1.71 18.13
C ILE A 111 2.24 2.26 17.66
N THR A 112 1.27 1.38 17.53
CA THR A 112 0.02 1.78 16.95
C THR A 112 -1.15 1.55 17.89
N GLN A 113 -2.04 2.54 17.92
CA GLN A 113 -3.29 2.43 18.61
C GLN A 113 -4.28 1.63 17.73
N ASN A 114 -3.98 1.44 16.45
CA ASN A 114 -4.92 0.90 15.52
C ASN A 114 -4.96 -0.61 15.50
N ILE A 115 -6.14 -1.16 15.17
CA ILE A 115 -6.38 -2.57 15.25
C ILE A 115 -6.73 -3.20 13.90
N ASP A 116 -6.56 -2.44 12.83
CA ASP A 116 -6.94 -2.91 11.47
C ASP A 116 -5.85 -3.70 10.75
N GLU A 117 -4.68 -3.90 11.36
CA GLU A 117 -3.55 -4.56 10.66
C GLU A 117 -3.07 -3.88 9.37
N LEU A 118 -3.39 -2.62 9.11
CA LEU A 118 -2.90 -1.97 7.93
C LEU A 118 -1.39 -1.80 7.88
N HIS A 119 -0.69 -1.67 9.01
CA HIS A 119 0.75 -1.48 8.93
C HIS A 119 1.35 -2.78 8.50
N HIS A 120 0.73 -3.87 8.91
CA HIS A 120 1.28 -5.20 8.63
CA HIS A 120 1.25 -5.20 8.62
C HIS A 120 1.10 -5.45 7.14
N ARG A 121 -0.05 -5.04 6.62
CA ARG A 121 -0.37 -5.22 5.24
C ARG A 121 0.53 -4.38 4.36
N ALA A 122 0.91 -3.24 4.86
CA ALA A 122 1.84 -2.39 4.14
C ALA A 122 3.28 -2.95 4.08
N GLY A 123 3.58 -3.92 4.93
CA GLY A 123 4.92 -4.48 5.00
C GLY A 123 5.73 -4.11 6.22
N SER A 124 5.17 -3.34 7.14
CA SER A 124 5.87 -3.04 8.40
C SER A 124 6.08 -4.37 9.10
N LYS A 125 7.13 -4.47 9.92
CA LYS A 125 7.50 -5.72 10.61
C LYS A 125 7.58 -5.55 12.13
N HIS A 126 8.27 -4.52 12.61
CA HIS A 126 8.44 -4.32 14.04
C HIS A 126 7.34 -3.41 14.44
N VAL A 127 6.16 -4.01 14.64
CA VAL A 127 4.95 -3.29 15.00
C VAL A 127 4.44 -3.75 16.36
N TYR A 128 4.06 -2.80 17.22
CA TYR A 128 3.45 -3.11 18.51
C TYR A 128 2.02 -2.62 18.52
N GLU A 129 1.06 -3.56 18.56
CA GLU A 129 -0.38 -3.24 18.49
C GLU A 129 -0.84 -3.19 19.90
N ILE A 130 -0.82 -2.00 20.46
CA ILE A 130 -1.12 -1.83 21.87
C ILE A 130 -2.59 -1.93 22.19
N HIS A 131 -3.46 -1.95 21.19
CA HIS A 131 -4.87 -2.15 21.46
C HIS A 131 -5.34 -3.45 20.87
N GLY A 132 -4.40 -4.31 20.49
CA GLY A 132 -4.75 -5.61 19.91
C GLY A 132 -5.04 -5.53 18.43
N SER A 133 -5.93 -6.39 17.95
CA SER A 133 -6.20 -6.52 16.51
C SER A 133 -7.50 -7.25 16.16
N LEU A 134 -8.27 -6.66 15.26
CA LEU A 134 -9.48 -7.26 14.70
C LEU A 134 -9.25 -8.67 14.22
N PHE A 135 -8.01 -9.01 13.90
CA PHE A 135 -7.75 -10.28 13.27
C PHE A 135 -6.91 -11.16 14.16
N LYS A 136 -7.17 -11.02 15.46
CA LYS A 136 -6.78 -12.05 16.42
C LYS A 136 -7.97 -12.32 17.31
N THR A 137 -8.02 -13.55 17.82
CA THR A 137 -8.99 -13.90 18.80
C THR A 137 -8.33 -14.18 20.14
N ARG A 138 -9.16 -14.18 21.18
CA ARG A 138 -8.77 -14.69 22.49
C ARG A 138 -9.84 -15.60 23.07
N CYS A 139 -9.43 -16.74 23.63
CA CYS A 139 -10.38 -17.71 24.08
C CYS A 139 -10.81 -17.30 25.45
N MET A 140 -12.09 -17.04 25.62
CA MET A 140 -12.59 -16.72 26.91
C MET A 140 -12.18 -17.80 27.91
N SER A 141 -11.91 -19.01 27.46
CA SER A 141 -11.76 -20.10 28.43
C SER A 141 -10.33 -20.36 28.74
N CYS A 142 -9.49 -20.65 27.74
CA CYS A 142 -8.05 -20.89 27.98
C CYS A 142 -7.11 -19.72 27.70
N GLY A 143 -7.61 -18.64 27.14
CA GLY A 143 -6.80 -17.46 26.86
C GLY A 143 -5.81 -17.57 25.71
N GLU A 144 -5.94 -18.59 24.87
CA GLU A 144 -5.08 -18.67 23.68
C GLU A 144 -5.34 -17.50 22.71
N VAL A 145 -4.27 -16.89 22.21
CA VAL A 145 -4.38 -15.77 21.31
C VAL A 145 -3.93 -16.30 19.98
N LYS A 146 -4.83 -16.36 19.03
CA LYS A 146 -4.52 -17.02 17.77
C LYS A 146 -4.92 -16.07 16.67
N ALA A 147 -4.09 -16.05 15.64
CA ALA A 147 -4.30 -15.14 14.53
C ALA A 147 -5.43 -15.69 13.72
N ASN A 148 -6.31 -14.84 13.23
CA ASN A 148 -7.44 -15.32 12.40
C ASN A 148 -7.91 -14.27 11.39
N HIS A 149 -7.85 -14.63 10.11
CA HIS A 149 -8.34 -13.78 9.02
C HIS A 149 -9.44 -14.45 8.20
N LYS A 150 -9.91 -15.61 8.66
CA LYS A 150 -11.03 -16.36 8.07
C LYS A 150 -12.20 -15.44 7.71
N SER A 151 -12.80 -15.66 6.56
CA SER A 151 -13.96 -14.88 6.14
C SER A 151 -15.08 -15.78 5.59
N PRO A 152 -16.22 -15.88 6.29
CA PRO A 152 -16.50 -15.43 7.64
C PRO A 152 -15.76 -16.24 8.73
N ILE A 153 -15.46 -15.56 9.82
CA ILE A 153 -14.80 -16.15 10.95
C ILE A 153 -15.43 -17.48 11.40
N CYS A 154 -16.75 -17.59 11.27
CA CYS A 154 -17.44 -18.86 11.43
C CYS A 154 -18.73 -18.86 10.59
N PRO A 155 -19.21 -20.05 10.17
CA PRO A 155 -20.37 -20.13 9.28
C PRO A 155 -21.56 -19.33 9.79
N ALA A 156 -21.89 -19.48 11.05
CA ALA A 156 -23.03 -18.77 11.62
C ALA A 156 -23.13 -17.28 11.24
N LEU A 157 -21.98 -16.64 11.08
CA LEU A 157 -21.91 -15.19 10.87
C LEU A 157 -21.95 -14.78 9.39
N ASP A 158 -21.95 -15.77 8.50
CA ASP A 158 -21.91 -15.51 7.08
C ASP A 158 -23.06 -14.57 6.71
N GLY A 159 -22.71 -13.50 6.01
CA GLY A 159 -23.67 -12.50 5.58
C GLY A 159 -24.31 -11.68 6.69
N LYS A 160 -23.75 -11.73 7.92
CA LYS A 160 -24.31 -10.99 9.05
C LYS A 160 -23.56 -9.67 9.22
N GLY A 161 -24.05 -8.85 10.15
CA GLY A 161 -23.38 -7.63 10.54
C GLY A 161 -23.79 -6.40 9.78
N ALA A 162 -24.92 -6.41 9.07
CA ALA A 162 -25.29 -5.24 8.29
C ALA A 162 -25.38 -4.02 9.18
N PRO A 163 -24.90 -2.86 8.69
CA PRO A 163 -24.84 -1.61 9.46
C PRO A 163 -26.10 -0.71 9.46
N ASP A 164 -27.04 -0.88 8.53
CA ASP A 164 -28.20 0.00 8.59
C ASP A 164 -29.12 -0.37 9.81
N PRO A 165 -29.46 0.62 10.65
CA PRO A 165 -30.22 0.46 11.89
C PRO A 165 -31.35 -0.56 11.86
N ASN A 166 -32.08 -0.64 10.74
CA ASN A 166 -33.26 -1.53 10.64
C ASN A 166 -32.91 -2.97 10.35
N THR A 167 -31.63 -3.33 10.50
CA THR A 167 -31.24 -4.70 10.26
C THR A 167 -31.75 -5.52 11.43
N LYS A 168 -32.08 -6.77 11.14
CA LYS A 168 -32.53 -7.70 12.16
C LYS A 168 -31.33 -8.30 12.87
N GLU A 169 -31.40 -8.40 14.19
CA GLU A 169 -30.39 -9.13 14.95
C GLU A 169 -30.29 -10.57 14.44
N ALA A 170 -29.08 -11.11 14.38
CA ALA A 170 -28.90 -12.52 14.05
C ALA A 170 -29.23 -13.38 15.26
N ARG A 171 -28.92 -12.87 16.46
CA ARG A 171 -29.13 -13.60 17.72
C ARG A 171 -28.61 -15.02 17.62
N ILE A 172 -27.35 -15.14 17.24
CA ILE A 172 -26.73 -16.43 17.03
C ILE A 172 -26.57 -17.06 18.40
N PRO A 173 -27.09 -18.29 18.57
CA PRO A 173 -26.79 -19.09 19.76
C PRO A 173 -25.29 -19.11 20.04
N VAL A 174 -24.92 -19.01 21.31
CA VAL A 174 -23.51 -18.87 21.67
C VAL A 174 -22.64 -20.09 21.30
N GLU A 175 -23.25 -21.28 21.33
CA GLU A 175 -22.55 -22.50 20.90
C GLU A 175 -21.98 -22.43 19.47
N LEU A 176 -22.53 -21.53 18.63
CA LEU A 176 -22.18 -21.39 17.21
C LEU A 176 -21.37 -20.16 16.85
N LEU A 177 -21.14 -19.29 17.82
CA LEU A 177 -20.21 -18.19 17.61
C LEU A 177 -18.80 -18.82 17.52
N PRO A 178 -17.77 -18.04 17.19
CA PRO A 178 -16.48 -18.72 17.04
C PRO A 178 -16.02 -19.38 18.31
N ARG A 179 -15.62 -20.64 18.20
CA ARG A 179 -15.17 -21.39 19.34
C ARG A 179 -13.73 -21.72 19.15
N CYS A 180 -13.06 -21.94 20.27
CA CYS A 180 -11.63 -22.23 20.30
C CYS A 180 -11.37 -23.67 19.88
N GLU A 181 -10.46 -23.85 18.94
CA GLU A 181 -10.38 -25.09 18.22
C GLU A 181 -9.73 -26.20 18.96
N ARG A 182 -8.99 -25.91 20.02
CA ARG A 182 -8.49 -26.98 20.89
C ARG A 182 -9.68 -27.73 21.51
N LYS A 183 -9.97 -28.90 20.99
CA LYS A 183 -11.24 -29.61 21.28
C LYS A 183 -11.38 -30.04 22.75
N SER A 184 -10.28 -30.05 23.49
CA SER A 184 -10.35 -30.22 24.94
C SER A 184 -11.10 -29.05 25.58
N CYS A 185 -11.03 -27.87 24.95
CA CYS A 185 -11.51 -26.61 25.52
C CYS A 185 -12.84 -26.14 24.95
N ASN A 186 -12.89 -26.02 23.62
CA ASN A 186 -14.06 -25.50 22.92
C ASN A 186 -14.61 -24.18 23.47
N GLY A 187 -13.73 -23.32 23.98
CA GLY A 187 -14.13 -22.09 24.66
C GLY A 187 -14.61 -21.07 23.69
N LEU A 188 -15.39 -20.10 24.17
CA LEU A 188 -15.94 -19.03 23.33
C LEU A 188 -14.91 -17.97 22.94
N LEU A 189 -14.80 -17.60 21.68
CA LEU A 189 -13.78 -16.65 21.31
C LEU A 189 -14.29 -15.25 21.41
N ARG A 190 -13.37 -14.34 21.68
CA ARG A 190 -13.62 -12.90 21.62
C ARG A 190 -12.49 -12.23 20.84
N PRO A 191 -12.78 -11.08 20.22
CA PRO A 191 -11.71 -10.38 19.54
C PRO A 191 -10.66 -9.88 20.51
N HIS A 192 -9.40 -10.16 20.20
CA HIS A 192 -8.27 -9.71 20.98
C HIS A 192 -8.07 -8.23 20.79
N VAL A 193 -9.00 -7.47 21.30
CA VAL A 193 -8.95 -6.03 21.17
C VAL A 193 -9.25 -5.50 22.54
N VAL A 194 -8.60 -4.41 22.90
CA VAL A 194 -8.76 -3.88 24.22
C VAL A 194 -10.06 -3.11 24.26
N TRP A 195 -11.02 -3.56 25.05
CA TRP A 195 -12.28 -2.85 25.11
C TRP A 195 -12.22 -1.74 26.14
N PHE A 196 -13.26 -0.93 26.17
CA PHE A 196 -13.36 0.14 27.13
C PHE A 196 -13.45 -0.42 28.53
N GLY A 197 -12.66 0.16 29.43
CA GLY A 197 -12.50 -0.35 30.76
C GLY A 197 -11.55 -1.52 30.94
N GLU A 198 -10.76 -1.90 29.93
CA GLU A 198 -9.76 -3.00 30.12
C GLU A 198 -8.38 -2.43 30.08
N THR A 199 -7.44 -3.06 30.80
CA THR A 199 -6.08 -2.50 30.82
C THR A 199 -5.30 -2.86 29.56
N LEU A 200 -4.27 -2.10 29.26
CA LEU A 200 -3.32 -2.52 28.30
C LEU A 200 -2.52 -3.66 28.87
N ASP A 201 -1.96 -4.47 27.98
CA ASP A 201 -1.09 -5.56 28.33
C ASP A 201 0.23 -4.94 28.77
N SER A 202 0.73 -5.40 29.91
CA SER A 202 1.90 -4.76 30.54
C SER A 202 3.17 -5.18 29.88
N ASP A 203 3.23 -6.43 29.41
CA ASP A 203 4.40 -6.93 28.70
C ASP A 203 4.71 -6.04 27.51
N ILE A 204 3.65 -5.67 26.80
CA ILE A 204 3.78 -4.79 25.68
C ILE A 204 4.28 -3.45 26.12
N LEU A 205 3.65 -2.88 27.13
CA LEU A 205 4.06 -1.56 27.59
C LEU A 205 5.52 -1.52 27.99
N THR A 206 6.02 -2.59 28.57
CA THR A 206 7.41 -2.63 28.94
C THR A 206 8.34 -2.66 27.78
N ALA A 207 7.92 -3.32 26.72
CA ALA A 207 8.68 -3.35 25.47
C ALA A 207 8.68 -1.99 24.85
N VAL A 208 7.51 -1.44 24.68
CA VAL A 208 7.40 -0.12 24.12
C VAL A 208 8.30 0.85 24.89
N GLU A 209 8.24 0.77 26.22
CA GLU A 209 8.99 1.69 27.02
C GLU A 209 10.44 1.59 26.65
N ARG A 210 10.94 0.35 26.64
CA ARG A 210 12.32 0.08 26.28
C ARG A 210 12.64 0.69 24.92
N GLU A 211 11.73 0.52 23.95
CA GLU A 211 11.91 1.07 22.58
C GLU A 211 11.97 2.57 22.60
N LEU A 212 11.08 3.20 23.33
CA LEU A 212 11.06 4.65 23.38
C LEU A 212 12.26 5.25 24.11
N GLU A 213 12.83 4.50 25.03
CA GLU A 213 14.02 4.95 25.73
C GLU A 213 15.24 4.89 24.80
N LYS A 214 15.25 3.90 23.92
CA LYS A 214 16.32 3.72 22.94
C LYS A 214 16.27 4.76 21.83
N CYS A 215 15.07 5.29 21.55
CA CYS A 215 14.86 6.00 20.31
C CYS A 215 15.47 7.37 20.33
N ASP A 216 15.97 7.86 19.20
CA ASP A 216 16.51 9.26 19.09
C ASP A 216 15.72 10.16 18.14
N LEU A 217 14.50 9.71 17.83
CA LEU A 217 13.57 10.48 17.06
C LEU A 217 12.21 9.80 17.15
N CYS A 218 11.19 10.63 17.29
CA CYS A 218 9.84 10.16 17.49
C CYS A 218 8.85 10.87 16.57
N LEU A 219 8.04 10.08 15.88
CA LEU A 219 7.02 10.60 15.03
C LEU A 219 5.67 10.23 15.62
N VAL A 220 4.75 11.15 15.55
CA VAL A 220 3.43 10.90 16.02
C VAL A 220 2.59 11.22 14.83
N VAL A 221 1.87 10.21 14.37
CA VAL A 221 1.20 10.28 13.11
C VAL A 221 -0.26 9.97 13.28
N GLY A 222 -1.09 10.90 12.83
CA GLY A 222 -2.52 10.71 12.84
C GLY A 222 -3.06 10.76 14.25
N THR A 223 -2.46 11.64 15.05
CA THR A 223 -2.81 11.89 16.47
C THR A 223 -1.88 12.95 17.08
N SER A 224 -2.15 13.36 18.32
CA SER A 224 -1.32 14.36 18.93
C SER A 224 -0.63 13.79 20.16
N SER A 225 0.59 14.27 20.45
CA SER A 225 1.36 13.91 21.66
C SER A 225 0.68 14.34 22.94
N ILE A 226 -0.28 15.24 22.81
CA ILE A 226 -1.01 15.82 23.95
C ILE A 226 -2.10 14.86 24.53
N VAL A 227 -2.45 13.83 23.77
CA VAL A 227 -3.60 13.01 24.08
C VAL A 227 -3.23 11.54 24.12
N TYR A 228 -4.02 10.79 24.88
CA TYR A 228 -3.85 9.35 24.93
C TYR A 228 -3.88 8.85 23.51
N PRO A 229 -2.94 7.95 23.16
CA PRO A 229 -1.91 7.36 24.03
C PRO A 229 -0.50 7.92 23.89
N ALA A 230 -0.29 8.84 22.94
CA ALA A 230 1.06 9.41 22.78
C ALA A 230 1.51 10.02 24.09
N ALA A 231 0.54 10.52 24.87
CA ALA A 231 0.81 11.15 26.16
C ALA A 231 1.47 10.28 27.23
N MET A 232 1.29 8.98 27.17
CA MET A 232 1.97 8.10 28.10
C MET A 232 3.51 8.13 27.98
N PHE A 233 4.01 8.57 26.83
CA PHE A 233 5.44 8.44 26.53
C PHE A 233 6.12 9.68 26.10
N ALA A 234 5.57 10.33 25.06
CA ALA A 234 6.18 11.53 24.46
C ALA A 234 6.82 12.40 25.54
N PRO A 235 6.22 12.45 26.76
CA PRO A 235 6.94 13.03 27.89
C PRO A 235 8.25 12.32 28.27
N GLN A 236 8.25 10.99 28.32
CA GLN A 236 9.46 10.19 28.62
C GLN A 236 10.58 10.35 27.55
N VAL A 237 10.22 10.34 26.26
CA VAL A 237 11.18 10.63 25.18
C VAL A 237 11.60 12.10 25.14
N ALA A 238 10.66 13.04 25.27
CA ALA A 238 11.00 14.49 25.16
C ALA A 238 11.85 15.01 26.30
N SER A 239 11.67 14.45 27.50
CA SER A 239 12.47 14.80 28.65
C SER A 239 13.93 14.36 28.49
N ARG A 240 14.24 13.46 27.56
CA ARG A 240 15.65 13.17 27.24
C ARG A 240 16.18 14.03 26.09
N GLY A 241 15.40 15.00 25.64
CA GLY A 241 15.84 15.95 24.63
C GLY A 241 15.76 15.46 23.19
N VAL A 242 14.91 14.48 22.97
CA VAL A 242 14.73 13.88 21.66
C VAL A 242 13.66 14.65 20.85
N PRO A 243 13.95 14.93 19.57
CA PRO A 243 12.92 15.62 18.81
C PRO A 243 11.65 14.78 18.58
N VAL A 244 10.50 15.44 18.49
CA VAL A 244 9.23 14.78 18.24
C VAL A 244 8.54 15.49 17.10
N ALA A 245 8.18 14.75 16.05
CA ALA A 245 7.46 15.30 14.92
C ALA A 245 6.03 14.75 14.85
N GLU A 246 5.04 15.65 14.84
CA GLU A 246 3.64 15.26 14.69
C GLU A 246 3.24 15.42 13.24
N PHE A 247 2.57 14.42 12.69
CA PHE A 247 1.91 14.57 11.39
C PHE A 247 0.45 14.26 11.64
N ASN A 248 -0.39 15.27 11.58
CA ASN A 248 -1.82 15.08 11.81
C ASN A 248 -2.57 16.29 11.25
N MET A 249 -3.90 16.30 11.38
CA MET A 249 -4.70 17.35 10.78
C MET A 249 -5.36 18.22 11.82
N GLU A 250 -4.61 18.43 12.89
CA GLU A 250 -5.03 19.25 13.98
C GLU A 250 -4.40 20.60 13.75
N CYS A 251 -5.04 21.62 14.32
CA CYS A 251 -4.65 23.00 14.08
C CYS A 251 -3.59 23.42 15.09
N THR A 252 -2.76 24.36 14.67
CA THR A 252 -1.50 24.67 15.30
C THR A 252 -1.44 26.21 15.43
N PRO A 253 -1.64 26.76 16.65
CA PRO A 253 -1.74 28.22 16.88
C PRO A 253 -0.57 29.05 16.35
N ALA A 254 -0.84 30.29 15.92
CA ALA A 254 0.20 31.23 15.46
C ALA A 254 1.46 31.18 16.34
N THR A 255 1.27 31.50 17.63
CA THR A 255 2.38 31.68 18.58
C THR A 255 3.36 30.45 18.65
N GLN A 256 2.85 29.21 18.77
CA GLN A 256 3.72 28.04 18.95
C GLN A 256 4.03 27.27 17.68
N LYS A 259 10.63 20.52 18.41
CA LYS A 259 9.46 19.66 18.16
C LYS A 259 8.50 20.29 17.10
N TYR A 260 8.16 19.45 16.13
CA TYR A 260 7.73 19.88 14.79
C TYR A 260 6.32 19.39 14.48
N HIS A 261 5.56 20.20 13.76
CA HIS A 261 4.18 19.86 13.38
C HIS A 261 3.98 20.07 11.88
N PHE A 262 3.39 19.09 11.21
CA PHE A 262 3.12 19.18 9.80
C PHE A 262 1.65 18.88 9.62
N GLU A 263 0.91 19.97 9.46
CA GLU A 263 -0.53 19.91 9.35
C GLU A 263 -0.82 19.36 7.97
N GLY A 264 -1.72 18.41 7.92
CA GLY A 264 -2.18 17.85 6.67
C GLY A 264 -2.45 16.37 6.78
N PRO A 265 -2.99 15.79 5.70
CA PRO A 265 -3.17 14.35 5.62
C PRO A 265 -1.83 13.59 5.62
N CYS A 266 -1.73 12.61 6.49
CA CYS A 266 -0.55 11.77 6.65
C CYS A 266 -0.05 11.22 5.33
N GLY A 267 -1.00 10.78 4.50
CA GLY A 267 -0.76 10.32 3.14
C GLY A 267 -0.06 11.31 2.24
N SER A 268 -0.21 12.60 2.50
CA SER A 268 0.53 13.62 1.75
C SER A 268 1.82 14.11 2.39
N THR A 269 1.77 14.27 3.70
CA THR A 269 2.85 14.92 4.39
C THR A 269 3.96 13.91 4.65
N LEU A 270 3.61 12.74 5.14
CA LEU A 270 4.62 11.84 5.66
C LEU A 270 5.59 11.25 4.61
N PRO A 271 5.10 10.88 3.43
CA PRO A 271 6.02 10.24 2.48
C PRO A 271 7.20 11.09 1.96
N PRO A 272 6.97 12.37 1.60
CA PRO A 272 8.11 13.24 1.36
C PRO A 272 9.00 13.39 2.59
N ALA A 273 8.45 13.30 3.79
CA ALA A 273 9.27 13.46 5.00
C ALA A 273 10.32 12.35 5.08
N LEU A 274 9.90 11.15 4.70
CA LEU A 274 10.69 9.95 4.94
C LEU A 274 11.57 9.50 3.79
N GLU A 275 11.29 9.96 2.57
CA GLU A 275 12.06 9.50 1.41
C GLU A 275 13.55 9.61 1.62
N SER B 10 -21.74 -3.17 -19.11
CA SER B 10 -22.63 -2.74 -17.99
C SER B 10 -21.89 -2.46 -16.70
N SER B 11 -22.53 -1.67 -15.84
CA SER B 11 -22.00 -1.30 -14.53
C SER B 11 -22.61 -2.13 -13.39
N ASP B 12 -23.26 -3.26 -13.69
CA ASP B 12 -23.69 -4.15 -12.62
C ASP B 12 -22.51 -4.96 -12.06
N LEU B 13 -22.12 -4.61 -10.83
CA LEU B 13 -20.99 -5.23 -10.14
C LEU B 13 -21.26 -6.69 -9.78
N THR B 14 -22.43 -6.92 -9.18
CA THR B 14 -22.88 -8.27 -8.79
C THR B 14 -22.59 -9.31 -9.86
N ALA B 15 -22.85 -8.93 -11.11
CA ALA B 15 -22.56 -9.76 -12.27
C ALA B 15 -21.06 -10.01 -12.36
N PHE B 16 -20.27 -8.93 -12.35
CA PHE B 16 -18.82 -9.10 -12.41
C PHE B 16 -18.34 -10.01 -11.30
N ARG B 17 -18.87 -9.82 -10.10
CA ARG B 17 -18.40 -10.60 -8.98
C ARG B 17 -18.64 -12.10 -9.18
N GLU B 18 -19.81 -12.45 -9.75
CA GLU B 18 -20.14 -13.84 -10.06
C GLU B 18 -19.06 -14.47 -10.92
N HIS B 19 -18.61 -13.74 -11.92
CA HIS B 19 -17.51 -14.24 -12.74
C HIS B 19 -16.20 -14.34 -11.96
N PHE B 20 -15.89 -13.29 -11.22
CA PHE B 20 -14.73 -13.30 -10.36
C PHE B 20 -14.73 -14.53 -9.47
N ALA B 21 -15.88 -14.88 -8.88
CA ALA B 21 -16.00 -16.07 -8.02
C ALA B 21 -15.63 -17.40 -8.68
N LYS B 22 -15.98 -17.57 -9.95
CA LYS B 22 -15.74 -18.81 -10.67
C LYS B 22 -14.34 -18.79 -11.24
N ALA B 23 -13.82 -17.62 -11.58
CA ALA B 23 -12.54 -17.53 -12.29
C ALA B 23 -11.37 -18.24 -11.63
N LYS B 24 -10.64 -19.01 -12.43
CA LYS B 24 -9.44 -19.75 -11.98
C LYS B 24 -8.12 -19.15 -12.49
N HIS B 25 -8.18 -18.33 -13.53
CA HIS B 25 -6.97 -17.73 -14.05
C HIS B 25 -7.26 -16.35 -14.53
N ILE B 26 -6.86 -15.37 -13.74
CA ILE B 26 -7.20 -14.00 -14.03
C ILE B 26 -5.98 -13.34 -14.54
N ALA B 27 -6.15 -12.51 -15.55
CA ALA B 27 -5.09 -11.71 -16.08
C ALA B 27 -5.51 -10.24 -15.99
N ILE B 28 -4.60 -9.42 -15.49
CA ILE B 28 -4.90 -8.06 -15.19
C ILE B 28 -3.91 -7.29 -15.98
N ILE B 29 -4.43 -6.54 -16.94
CA ILE B 29 -3.62 -5.67 -17.74
C ILE B 29 -3.68 -4.24 -17.19
N THR B 30 -2.52 -3.69 -16.89
CA THR B 30 -2.53 -2.38 -16.25
C THR B 30 -1.78 -1.36 -17.04
N GLY B 31 -2.40 -0.21 -17.18
CA GLY B 31 -1.85 0.89 -17.97
C GLY B 31 -1.59 2.11 -17.14
N ALA B 32 -1.31 3.24 -17.79
CA ALA B 32 -0.79 4.42 -17.11
C ALA B 32 -1.65 5.00 -16.00
N GLY B 33 -2.96 4.81 -16.04
CA GLY B 33 -3.87 5.39 -15.04
C GLY B 33 -3.61 4.93 -13.62
N VAL B 34 -2.98 3.78 -13.54
CA VAL B 34 -2.66 3.16 -12.31
C VAL B 34 -1.45 3.83 -11.68
N SER B 35 -0.45 4.16 -12.50
CA SER B 35 0.71 4.88 -12.00
C SER B 35 0.35 6.34 -11.82
N ALA B 36 -0.59 6.81 -12.61
CA ALA B 36 -0.97 8.21 -12.51
C ALA B 36 -1.52 8.44 -11.12
N GLU B 37 -2.35 7.51 -10.64
CA GLU B 37 -3.01 7.68 -9.37
C GLU B 37 -2.08 7.66 -8.18
N SER B 38 -0.87 7.14 -8.38
CA SER B 38 0.19 7.20 -7.39
C SER B 38 1.07 8.45 -7.52
N GLY B 39 0.81 9.26 -8.53
CA GLY B 39 1.52 10.53 -8.67
C GLY B 39 2.77 10.51 -9.53
N VAL B 40 2.94 9.44 -10.28
CA VAL B 40 4.11 9.31 -11.14
C VAL B 40 4.03 10.19 -12.38
N PRO B 41 5.01 11.10 -12.57
CA PRO B 41 5.04 11.96 -13.77
C PRO B 41 5.33 11.12 -15.00
N THR B 42 4.60 11.37 -16.08
CA THR B 42 4.80 10.59 -17.29
C THR B 42 5.48 11.40 -18.38
N PHE B 43 5.49 12.72 -18.22
CA PHE B 43 6.15 13.56 -19.18
C PHE B 43 5.54 13.49 -20.58
N ARG B 44 4.30 13.03 -20.68
CA ARG B 44 3.56 13.14 -21.94
C ARG B 44 2.88 14.50 -21.95
N GLY B 45 1.82 14.66 -21.15
CA GLY B 45 0.89 15.80 -21.24
C GLY B 45 1.48 17.15 -21.63
N PRO B 46 0.62 18.18 -21.81
CA PRO B 46 1.09 19.49 -22.26
C PRO B 46 1.98 20.21 -21.24
N GLY B 47 1.85 19.91 -19.95
CA GLY B 47 2.75 20.46 -18.94
C GLY B 47 3.81 19.50 -18.43
N GLY B 48 3.97 18.35 -19.07
CA GLY B 48 4.81 17.29 -18.53
C GLY B 48 6.19 17.39 -19.14
N PHE B 49 6.91 18.46 -18.83
CA PHE B 49 8.26 18.64 -19.36
C PHE B 49 9.29 18.26 -18.31
N TRP B 50 10.50 17.96 -18.76
CA TRP B 50 11.64 17.74 -17.88
C TRP B 50 12.70 18.58 -18.47
N ARG B 51 13.07 19.63 -17.76
CA ARG B 51 13.84 20.70 -18.35
C ARG B 51 13.09 21.17 -19.62
N LYS B 52 13.77 21.26 -20.76
CA LYS B 52 13.18 21.79 -21.99
C LYS B 52 12.37 20.71 -22.72
N TRP B 53 12.59 19.43 -22.38
CA TRP B 53 12.16 18.29 -23.22
C TRP B 53 11.02 17.46 -22.69
N GLN B 54 10.37 16.74 -23.60
CA GLN B 54 9.34 15.78 -23.27
C GLN B 54 9.88 14.40 -23.53
N ALA B 55 9.19 13.40 -22.97
CA ALA B 55 9.64 12.02 -23.02
C ALA B 55 10.05 11.56 -24.42
N GLN B 56 9.24 11.91 -25.43
CA GLN B 56 9.51 11.46 -26.78
C GLN B 56 10.81 12.02 -27.37
N ASP B 57 11.34 13.09 -26.78
CA ASP B 57 12.63 13.61 -27.21
C ASP B 57 13.71 12.73 -26.63
N LEU B 58 13.52 12.22 -25.42
CA LEU B 58 14.61 11.55 -24.70
C LEU B 58 14.55 10.01 -24.67
N ALA B 59 13.35 9.46 -24.58
CA ALA B 59 13.19 8.00 -24.58
C ALA B 59 13.23 7.42 -26.00
N THR B 60 14.44 7.35 -26.57
CA THR B 60 14.67 6.87 -27.94
C THR B 60 16.10 6.43 -27.99
N PRO B 61 16.43 5.47 -28.84
CA PRO B 61 17.84 5.09 -28.91
C PRO B 61 18.72 6.21 -29.51
N GLU B 62 18.11 7.05 -30.36
CA GLU B 62 18.80 8.15 -31.01
C GLU B 62 19.29 9.14 -29.97
N ALA B 63 18.39 9.51 -29.06
CA ALA B 63 18.71 10.41 -27.97
C ALA B 63 19.89 9.89 -27.15
N PHE B 64 19.85 8.59 -26.86
CA PHE B 64 20.87 7.91 -26.06
C PHE B 64 22.22 7.80 -26.75
N SER B 65 22.19 7.36 -28.00
CA SER B 65 23.40 7.36 -28.81
C SER B 65 24.04 8.75 -28.84
N ARG B 66 23.21 9.74 -29.15
CA ARG B 66 23.63 11.15 -29.27
C ARG B 66 24.03 11.77 -27.94
N ASP B 67 23.28 11.57 -26.87
CA ASP B 67 23.59 12.26 -25.61
C ASP B 67 23.29 11.39 -24.39
N PRO B 68 24.14 10.38 -24.17
CA PRO B 68 23.89 9.47 -23.03
C PRO B 68 23.83 10.14 -21.65
N SER B 69 24.64 11.18 -21.41
CA SER B 69 24.59 11.91 -20.13
C SER B 69 23.18 12.38 -19.87
N LEU B 70 22.68 13.21 -20.77
CA LEU B 70 21.34 13.77 -20.68
C LEU B 70 20.22 12.71 -20.45
N VAL B 71 20.27 11.65 -21.25
CA VAL B 71 19.27 10.61 -21.11
C VAL B 71 19.43 9.97 -19.75
N TRP B 72 20.65 9.65 -19.37
CA TRP B 72 20.86 9.15 -18.04
C TRP B 72 20.38 10.13 -16.96
N GLU B 73 20.68 11.41 -17.07
CA GLU B 73 20.16 12.36 -16.08
C GLU B 73 18.65 12.23 -15.92
N PHE B 74 17.97 12.13 -17.05
CA PHE B 74 16.53 11.97 -17.08
C PHE B 74 16.07 10.73 -16.31
N TYR B 75 16.62 9.57 -16.65
CA TYR B 75 16.25 8.32 -15.99
C TYR B 75 16.66 8.32 -14.50
N HIS B 76 17.77 8.99 -14.17
CA HIS B 76 18.16 9.10 -12.77
C HIS B 76 17.04 9.82 -12.08
N TYR B 77 16.72 11.01 -12.54
CA TYR B 77 15.60 11.74 -11.95
C TYR B 77 14.39 10.84 -11.71
N ARG B 78 14.04 10.06 -12.72
CA ARG B 78 12.80 9.31 -12.66
C ARG B 78 12.88 8.19 -11.66
N ARG B 79 14.09 7.61 -11.53
CA ARG B 79 14.37 6.58 -10.53
C ARG B 79 14.23 7.18 -9.14
N GLU B 80 14.69 8.42 -8.98
CA GLU B 80 14.72 9.05 -7.66
C GLU B 80 13.37 9.55 -7.22
N VAL B 81 12.51 10.04 -8.13
CA VAL B 81 11.19 10.51 -7.66
C VAL B 81 10.37 9.34 -7.13
N MET B 82 10.78 8.12 -7.47
CA MET B 82 10.03 6.95 -7.07
C MET B 82 10.13 6.67 -5.59
N ARG B 83 11.16 7.22 -4.96
CA ARG B 83 11.27 7.13 -3.51
C ARG B 83 10.17 7.87 -2.75
N SER B 84 9.39 8.73 -3.41
CA SER B 84 8.25 9.38 -2.76
C SER B 84 6.87 9.02 -3.30
N LYS B 85 6.80 8.27 -4.39
CA LYS B 85 5.49 7.84 -4.87
C LYS B 85 5.25 6.43 -4.37
N MET B 86 4.07 6.18 -3.82
CA MET B 86 3.76 4.89 -3.26
C MET B 86 2.65 4.18 -4.07
N PRO B 87 2.60 2.85 -4.02
CA PRO B 87 1.46 2.05 -4.54
C PRO B 87 0.16 2.61 -4.02
N ASN B 88 -0.87 2.70 -4.84
CA ASN B 88 -2.20 3.15 -4.38
C ASN B 88 -3.07 1.93 -4.09
N PRO B 89 -4.32 2.17 -3.68
CA PRO B 89 -5.11 1.04 -3.26
C PRO B 89 -5.39 0.03 -4.33
N ALA B 90 -5.24 0.41 -5.59
CA ALA B 90 -5.46 -0.54 -6.71
C ALA B 90 -4.29 -1.49 -6.76
N HIS B 91 -3.08 -0.95 -6.61
CA HIS B 91 -1.88 -1.79 -6.64
C HIS B 91 -2.00 -2.85 -5.61
N LEU B 92 -2.45 -2.42 -4.45
CA LEU B 92 -2.48 -3.30 -3.32
C LEU B 92 -3.57 -4.30 -3.44
N ALA B 93 -4.71 -3.87 -3.92
CA ALA B 93 -5.89 -4.73 -4.01
C ALA B 93 -5.55 -5.88 -4.91
N ILE B 94 -4.87 -5.56 -6.00
CA ILE B 94 -4.39 -6.58 -6.89
C ILE B 94 -3.47 -7.55 -6.15
N ALA B 95 -2.42 -7.04 -5.51
CA ALA B 95 -1.41 -7.90 -4.90
C ALA B 95 -1.98 -8.80 -3.81
N GLU B 96 -2.92 -8.27 -3.07
CA GLU B 96 -3.50 -9.05 -2.02
C GLU B 96 -4.43 -10.08 -2.58
N CYS B 97 -5.09 -9.74 -3.69
CA CYS B 97 -5.91 -10.69 -4.42
C CYS B 97 -5.06 -11.85 -4.89
N GLU B 98 -3.97 -11.56 -5.56
CA GLU B 98 -3.09 -12.59 -6.09
C GLU B 98 -2.75 -13.60 -5.00
N ALA B 99 -2.31 -13.06 -3.86
CA ALA B 99 -1.92 -13.86 -2.72
C ALA B 99 -3.09 -14.68 -2.19
N ARG B 100 -4.23 -14.04 -1.98
CA ARG B 100 -5.40 -14.74 -1.48
C ARG B 100 -5.81 -15.90 -2.38
N LEU B 101 -5.78 -15.67 -3.68
CA LEU B 101 -6.24 -16.66 -4.62
C LEU B 101 -5.23 -17.80 -4.75
N GLY B 102 -3.94 -17.47 -4.73
CA GLY B 102 -2.88 -18.51 -4.77
C GLY B 102 -2.99 -19.55 -3.69
N GLN B 103 -3.42 -19.14 -2.50
CA GLN B 103 -3.67 -20.06 -1.38
C GLN B 103 -4.76 -21.04 -1.77
N GLN B 104 -5.67 -20.58 -2.63
CA GLN B 104 -6.80 -21.39 -3.09
C GLN B 104 -6.47 -22.11 -4.37
N GLY B 105 -5.22 -22.08 -4.83
CA GLY B 105 -4.85 -22.71 -6.11
C GLY B 105 -5.18 -21.93 -7.39
N ARG B 106 -5.83 -20.78 -7.29
CA ARG B 106 -6.20 -19.97 -8.45
C ARG B 106 -5.08 -18.98 -8.74
N SER B 107 -5.02 -18.57 -10.00
CA SER B 107 -3.93 -17.83 -10.56
C SER B 107 -4.30 -16.40 -10.81
N VAL B 108 -3.37 -15.47 -10.62
CA VAL B 108 -3.56 -14.06 -11.01
C VAL B 108 -2.25 -13.54 -11.59
N VAL B 109 -2.29 -12.95 -12.79
CA VAL B 109 -1.10 -12.36 -13.40
C VAL B 109 -1.33 -10.95 -13.80
N ILE B 110 -0.21 -10.22 -13.84
CA ILE B 110 -0.24 -8.81 -14.15
C ILE B 110 0.63 -8.54 -15.37
N ILE B 111 0.02 -7.92 -16.36
CA ILE B 111 0.68 -7.54 -17.56
C ILE B 111 0.57 -6.04 -17.48
N THR B 112 1.72 -5.40 -17.26
CA THR B 112 1.72 -3.98 -17.07
C THR B 112 2.54 -3.28 -18.15
N GLN B 113 2.01 -2.14 -18.60
CA GLN B 113 2.76 -1.21 -19.47
C GLN B 113 3.73 -0.37 -18.64
N ASN B 114 3.58 -0.35 -17.33
CA ASN B 114 4.29 0.57 -16.50
C ASN B 114 5.65 0.08 -16.08
N ILE B 115 6.56 1.03 -15.83
CA ILE B 115 7.97 0.73 -15.60
C ILE B 115 8.47 1.15 -14.22
N ASP B 116 7.53 1.51 -13.37
CA ASP B 116 7.89 2.08 -12.06
C ASP B 116 8.02 1.05 -10.95
N GLU B 117 7.86 -0.24 -11.25
CA GLU B 117 7.92 -1.27 -10.23
C GLU B 117 6.94 -1.09 -9.08
N LEU B 118 5.86 -0.33 -9.26
CA LEU B 118 4.86 -0.21 -8.17
C LEU B 118 4.10 -1.49 -7.87
N HIS B 119 3.87 -2.37 -8.84
CA HIS B 119 3.17 -3.62 -8.52
C HIS B 119 4.08 -4.48 -7.63
N HIS B 120 5.37 -4.36 -7.85
CA HIS B 120 6.33 -5.19 -7.16
C HIS B 120 6.34 -4.70 -5.76
N ARG B 121 6.30 -3.40 -5.60
CA ARG B 121 6.35 -2.77 -4.27
C ARG B 121 5.07 -3.03 -3.48
N ALA B 122 3.96 -3.18 -4.19
CA ALA B 122 2.73 -3.56 -3.56
C ALA B 122 2.70 -5.02 -3.07
N GLY B 123 3.65 -5.84 -3.53
CA GLY B 123 3.66 -7.25 -3.19
C GLY B 123 3.18 -8.22 -4.26
N SER B 124 2.84 -7.72 -5.46
CA SER B 124 2.54 -8.60 -6.59
C SER B 124 3.81 -9.41 -6.91
N LYS B 125 3.64 -10.60 -7.47
CA LYS B 125 4.76 -11.49 -7.75
C LYS B 125 4.79 -11.95 -9.19
N HIS B 126 3.68 -12.40 -9.74
CA HIS B 126 3.64 -12.88 -11.10
C HIS B 126 3.29 -11.64 -11.91
N VAL B 127 4.30 -10.82 -12.17
CA VAL B 127 4.16 -9.62 -12.95
C VAL B 127 4.98 -9.71 -14.23
N TYR B 128 4.41 -9.31 -15.36
CA TYR B 128 5.14 -9.18 -16.61
C TYR B 128 5.24 -7.72 -16.96
N GLU B 129 6.46 -7.18 -16.94
CA GLU B 129 6.70 -5.79 -17.25
C GLU B 129 7.06 -5.80 -18.72
N ILE B 130 6.06 -5.54 -19.56
CA ILE B 130 6.29 -5.62 -20.99
C ILE B 130 7.01 -4.44 -21.56
N HIS B 131 7.20 -3.38 -20.78
CA HIS B 131 8.00 -2.28 -21.27
C HIS B 131 9.26 -2.15 -20.47
N GLY B 132 9.59 -3.18 -19.70
CA GLY B 132 10.81 -3.18 -18.90
C GLY B 132 10.63 -2.43 -17.59
N SER B 133 11.71 -1.80 -17.11
CA SER B 133 11.71 -1.18 -15.80
C SER B 133 12.85 -0.18 -15.58
N LEU B 134 12.47 0.96 -14.99
CA LEU B 134 13.40 1.96 -14.52
C LEU B 134 14.51 1.37 -13.66
N PHE B 135 14.28 0.20 -13.05
CA PHE B 135 15.21 -0.30 -12.07
C PHE B 135 15.80 -1.59 -12.57
N LYS B 136 15.99 -1.65 -13.87
CA LYS B 136 16.92 -2.62 -14.48
C LYS B 136 17.79 -1.93 -15.49
N THR B 137 18.98 -2.50 -15.69
CA THR B 137 19.89 -2.04 -16.74
C THR B 137 20.12 -3.09 -17.82
N ARG B 138 20.59 -2.63 -18.97
CA ARG B 138 21.05 -3.54 -20.01
C ARG B 138 22.40 -3.07 -20.53
N CYS B 139 23.34 -4.00 -20.68
CA CYS B 139 24.68 -3.63 -21.08
C CYS B 139 24.66 -3.46 -22.57
N MET B 140 24.99 -2.25 -23.04
CA MET B 140 25.09 -1.99 -24.49
C MET B 140 26.04 -2.99 -25.12
N SER B 141 26.94 -3.58 -24.33
CA SER B 141 27.99 -4.44 -24.86
C SER B 141 27.57 -5.90 -24.89
N CYS B 142 27.42 -6.52 -23.71
CA CYS B 142 27.10 -7.94 -23.62
C CYS B 142 25.61 -8.24 -23.43
N GLY B 143 24.78 -7.23 -23.23
CA GLY B 143 23.34 -7.44 -23.09
C GLY B 143 22.86 -8.04 -21.78
N GLU B 144 23.73 -8.10 -20.76
CA GLU B 144 23.29 -8.61 -19.48
C GLU B 144 22.20 -7.70 -18.93
N VAL B 145 21.15 -8.31 -18.40
CA VAL B 145 20.05 -7.55 -17.81
C VAL B 145 20.14 -7.73 -16.32
N LYS B 146 20.44 -6.67 -15.59
CA LYS B 146 20.70 -6.81 -14.17
C LYS B 146 19.83 -5.82 -13.45
N ALA B 147 19.30 -6.28 -12.31
CA ALA B 147 18.43 -5.45 -11.48
C ALA B 147 19.28 -4.40 -10.81
N ASN B 148 18.77 -3.18 -10.68
CA ASN B 148 19.51 -2.14 -10.00
C ASN B 148 18.59 -1.09 -9.36
N HIS B 149 18.71 -0.94 -8.02
CA HIS B 149 17.95 0.08 -7.27
C HIS B 149 18.87 1.05 -6.55
N LYS B 150 20.17 0.94 -6.81
CA LYS B 150 21.18 1.86 -6.30
C LYS B 150 20.78 3.34 -6.40
N SER B 151 21.04 4.11 -5.36
CA SER B 151 20.75 5.54 -5.35
C SER B 151 21.91 6.40 -4.79
N PRO B 152 22.58 7.20 -5.66
CA PRO B 152 22.54 7.21 -7.11
C PRO B 152 23.14 5.97 -7.79
N ILE B 153 22.57 5.63 -8.94
CA ILE B 153 23.02 4.50 -9.75
C ILE B 153 24.55 4.45 -9.94
N CYS B 154 25.18 5.62 -10.01
CA CYS B 154 26.63 5.72 -9.98
C CYS B 154 26.99 7.09 -9.39
N PRO B 155 28.16 7.18 -8.75
CA PRO B 155 28.61 8.46 -8.18
C PRO B 155 28.49 9.68 -9.10
N ALA B 156 28.98 9.57 -10.34
CA ALA B 156 28.91 10.67 -11.29
C ALA B 156 27.55 11.41 -11.34
N LEU B 157 26.46 10.66 -11.15
CA LEU B 157 25.10 11.18 -11.28
C LEU B 157 24.52 11.76 -9.97
N ASP B 158 25.29 11.67 -8.88
CA ASP B 158 24.82 12.14 -7.60
C ASP B 158 24.41 13.61 -7.72
N GLY B 159 23.19 13.89 -7.27
CA GLY B 159 22.64 15.24 -7.28
C GLY B 159 22.32 15.77 -8.66
N LYS B 160 22.31 14.92 -9.67
CA LYS B 160 22.04 15.37 -11.02
C LYS B 160 20.56 15.12 -11.35
N GLY B 161 20.16 15.59 -12.54
CA GLY B 161 18.83 15.33 -13.08
C GLY B 161 17.76 16.36 -12.73
N ALA B 162 18.15 17.55 -12.29
CA ALA B 162 17.14 18.52 -11.88
C ALA B 162 16.22 18.80 -13.04
N PRO B 163 14.90 18.95 -12.76
CA PRO B 163 13.85 19.20 -13.77
C PRO B 163 13.57 20.66 -14.21
N ASP B 164 14.01 21.68 -13.48
CA ASP B 164 13.78 23.07 -13.95
C ASP B 164 14.65 23.39 -15.20
N PRO B 165 14.02 23.93 -16.27
CA PRO B 165 14.67 24.16 -17.57
C PRO B 165 16.06 24.77 -17.51
N ASN B 166 16.30 25.69 -16.57
CA ASN B 166 17.59 26.39 -16.48
C ASN B 166 18.69 25.57 -15.84
N THR B 167 18.47 24.27 -15.66
CA THR B 167 19.48 23.44 -15.03
C THR B 167 20.56 23.22 -16.05
N LYS B 168 21.78 23.15 -15.54
CA LYS B 168 22.95 23.00 -16.37
C LYS B 168 23.15 21.52 -16.66
N GLU B 169 23.43 21.18 -17.92
CA GLU B 169 23.74 19.81 -18.30
C GLU B 169 24.91 19.33 -17.45
N ALA B 170 24.88 18.09 -17.01
CA ALA B 170 26.03 17.51 -16.29
C ALA B 170 27.14 17.18 -17.28
N ARG B 171 26.76 16.77 -18.49
CA ARG B 171 27.72 16.36 -19.52
C ARG B 171 28.77 15.42 -18.92
N ILE B 172 28.29 14.35 -18.31
CA ILE B 172 29.15 13.36 -17.70
C ILE B 172 29.86 12.59 -18.83
N PRO B 173 31.21 12.53 -18.78
CA PRO B 173 31.98 11.68 -19.67
C PRO B 173 31.43 10.28 -19.65
N VAL B 174 31.38 9.64 -20.80
CA VAL B 174 30.73 8.35 -20.92
C VAL B 174 31.42 7.25 -20.12
N GLU B 175 32.74 7.33 -19.96
CA GLU B 175 33.49 6.40 -19.12
C GLU B 175 32.96 6.30 -17.68
N LEU B 176 32.26 7.33 -17.20
CA LEU B 176 31.77 7.43 -15.81
C LEU B 176 30.26 7.25 -15.61
N LEU B 177 29.51 7.13 -16.71
CA LEU B 177 28.11 6.73 -16.64
C LEU B 177 28.11 5.26 -16.17
N PRO B 178 26.94 4.71 -15.85
CA PRO B 178 27.00 3.37 -15.27
C PRO B 178 27.60 2.38 -16.24
N ARG B 179 28.56 1.59 -15.77
CA ARG B 179 29.24 0.60 -16.60
C ARG B 179 28.91 -0.77 -16.09
N CYS B 180 29.01 -1.75 -16.97
CA CYS B 180 28.69 -3.13 -16.66
C CYS B 180 29.85 -3.74 -15.89
N GLU B 181 29.55 -4.31 -14.73
CA GLU B 181 30.61 -4.57 -13.76
C GLU B 181 31.44 -5.81 -14.05
N ARG B 182 30.96 -6.68 -14.94
CA ARG B 182 31.79 -7.77 -15.42
C ARG B 182 33.03 -7.17 -16.13
N LYS B 183 34.18 -7.19 -15.45
CA LYS B 183 35.42 -6.48 -15.91
C LYS B 183 35.99 -6.97 -17.25
N SER B 184 35.61 -8.17 -17.68
CA SER B 184 35.90 -8.64 -19.03
C SER B 184 35.23 -7.75 -20.09
N CYS B 185 34.10 -7.14 -19.71
CA CYS B 185 33.24 -6.34 -20.61
C CYS B 185 33.32 -4.80 -20.41
N ASN B 186 33.06 -4.34 -19.19
CA ASN B 186 33.01 -2.92 -18.87
C ASN B 186 32.12 -2.09 -19.81
N GLY B 187 31.06 -2.69 -20.31
CA GLY B 187 30.20 -2.05 -21.29
C GLY B 187 29.35 -0.97 -20.68
N LEU B 188 28.87 -0.03 -21.52
CA LEU B 188 28.03 1.10 -21.08
C LEU B 188 26.59 0.65 -20.81
N LEU B 189 26.03 1.02 -19.67
CA LEU B 189 24.69 0.56 -19.36
C LEU B 189 23.65 1.52 -19.90
N ARG B 190 22.49 0.95 -20.20
CA ARG B 190 21.27 1.69 -20.53
C ARG B 190 20.09 1.14 -19.75
N PRO B 191 19.09 1.99 -19.49
CA PRO B 191 17.94 1.48 -18.77
C PRO B 191 17.21 0.46 -19.59
N HIS B 192 16.91 -0.66 -18.99
CA HIS B 192 16.13 -1.72 -19.64
C HIS B 192 14.66 -1.31 -19.72
N VAL B 193 14.39 -0.28 -20.49
CA VAL B 193 13.03 0.15 -20.75
C VAL B 193 12.93 0.06 -22.24
N VAL B 194 11.71 -0.13 -22.72
CA VAL B 194 11.42 -0.08 -24.14
C VAL B 194 11.20 1.36 -24.57
N TRP B 195 12.08 1.90 -25.39
CA TRP B 195 11.96 3.29 -25.82
C TRP B 195 11.05 3.39 -26.99
N PHE B 196 10.79 4.60 -27.42
CA PHE B 196 9.98 4.81 -28.59
C PHE B 196 10.70 4.25 -29.80
N GLY B 197 9.93 3.52 -30.60
CA GLY B 197 10.48 2.86 -31.77
C GLY B 197 11.17 1.53 -31.50
N GLU B 198 11.07 0.98 -30.30
CA GLU B 198 11.67 -0.35 -30.05
C GLU B 198 10.55 -1.35 -29.89
N THR B 199 10.82 -2.54 -30.38
CA THR B 199 9.86 -3.62 -30.28
C THR B 199 9.84 -4.18 -28.87
N LEU B 200 8.79 -4.88 -28.55
CA LEU B 200 8.76 -5.66 -27.34
C LEU B 200 9.63 -6.92 -27.48
N ASP B 201 10.06 -7.43 -26.33
CA ASP B 201 10.85 -8.67 -26.23
C ASP B 201 9.88 -9.79 -26.51
N SER B 202 10.30 -10.72 -27.36
CA SER B 202 9.40 -11.76 -27.84
C SER B 202 9.24 -12.88 -26.81
N ASP B 203 10.30 -13.16 -26.04
CA ASP B 203 10.21 -14.18 -24.97
C ASP B 203 9.09 -13.82 -24.01
N ILE B 204 9.01 -12.53 -23.68
CA ILE B 204 7.91 -12.03 -22.85
C ILE B 204 6.57 -12.17 -23.55
N LEU B 205 6.49 -11.74 -24.81
CA LEU B 205 5.23 -11.88 -25.52
C LEU B 205 4.71 -13.32 -25.60
N THR B 206 5.62 -14.27 -25.74
CA THR B 206 5.23 -15.67 -25.86
C THR B 206 4.74 -16.19 -24.51
N ALA B 207 5.28 -15.65 -23.42
CA ALA B 207 4.77 -15.97 -22.10
C ALA B 207 3.38 -15.39 -21.91
N VAL B 208 3.27 -14.09 -22.16
CA VAL B 208 2.01 -13.37 -21.99
C VAL B 208 0.94 -14.07 -22.80
N GLU B 209 1.29 -14.46 -24.02
CA GLU B 209 0.35 -15.16 -24.86
C GLU B 209 -0.14 -16.42 -24.15
N ARG B 210 0.81 -17.25 -23.69
CA ARG B 210 0.47 -18.47 -22.94
C ARG B 210 -0.50 -18.12 -21.81
N GLU B 211 -0.20 -17.07 -21.05
CA GLU B 211 -1.05 -16.65 -19.91
C GLU B 211 -2.42 -16.27 -20.38
N LEU B 212 -2.50 -15.47 -21.41
CA LEU B 212 -3.79 -15.00 -21.86
C LEU B 212 -4.63 -16.10 -22.49
N GLU B 213 -3.98 -17.15 -22.99
CA GLU B 213 -4.74 -18.29 -23.55
C GLU B 213 -5.37 -19.09 -22.41
N LYS B 214 -4.65 -19.16 -21.30
CA LYS B 214 -5.10 -19.86 -20.10
C LYS B 214 -6.23 -19.14 -19.39
N CYS B 215 -6.31 -17.81 -19.53
CA CYS B 215 -7.09 -17.02 -18.60
C CYS B 215 -8.55 -17.13 -18.89
N ASP B 216 -9.37 -17.13 -17.84
CA ASP B 216 -10.85 -17.14 -18.00
C ASP B 216 -11.53 -15.88 -17.47
N LEU B 217 -10.72 -14.83 -17.26
CA LEU B 217 -11.20 -13.52 -16.88
C LEU B 217 -10.06 -12.50 -17.02
N CYS B 218 -10.41 -11.33 -17.55
CA CYS B 218 -9.48 -10.32 -17.88
C CYS B 218 -9.92 -8.94 -17.35
N LEU B 219 -9.02 -8.29 -16.62
CA LEU B 219 -9.26 -6.96 -16.14
C LEU B 219 -8.31 -5.98 -16.83
N VAL B 220 -8.83 -4.81 -17.16
CA VAL B 220 -8.05 -3.81 -17.81
C VAL B 220 -8.20 -2.65 -16.92
N VAL B 221 -7.07 -2.21 -16.40
CA VAL B 221 -7.08 -1.26 -15.36
C VAL B 221 -6.22 -0.10 -15.72
N GLY B 222 -6.80 1.09 -15.63
CA GLY B 222 -6.08 2.31 -15.82
C GLY B 222 -5.75 2.48 -17.26
N THR B 223 -6.70 2.06 -18.12
CA THR B 223 -6.58 2.09 -19.59
C THR B 223 -7.82 1.43 -20.24
N SER B 224 -7.92 1.50 -21.56
CA SER B 224 -9.02 0.89 -22.27
C SER B 224 -8.49 -0.20 -23.15
N SER B 225 -9.30 -1.24 -23.35
CA SER B 225 -8.96 -2.35 -24.26
C SER B 225 -8.71 -2.01 -25.74
N ILE B 226 -9.20 -0.86 -26.18
CA ILE B 226 -9.10 -0.43 -27.57
C ILE B 226 -7.89 0.42 -27.86
N VAL B 227 -7.04 0.67 -26.89
CA VAL B 227 -5.88 1.52 -27.10
C VAL B 227 -4.62 0.69 -27.03
N TYR B 228 -3.65 1.08 -27.84
CA TYR B 228 -2.38 0.38 -27.99
C TYR B 228 -1.63 0.77 -26.77
N PRO B 229 -1.04 -0.20 -26.09
CA PRO B 229 -0.93 -1.58 -26.47
C PRO B 229 -1.91 -2.55 -25.71
N ALA B 230 -2.79 -2.05 -24.86
CA ALA B 230 -3.84 -2.93 -24.32
C ALA B 230 -4.55 -3.75 -25.44
N ALA B 231 -4.70 -3.14 -26.61
CA ALA B 231 -5.37 -3.76 -27.76
C ALA B 231 -4.73 -5.05 -28.25
N MET B 232 -3.44 -5.25 -27.97
CA MET B 232 -2.78 -6.50 -28.31
C MET B 232 -3.31 -7.68 -27.56
N PHE B 233 -3.88 -7.41 -26.39
CA PHE B 233 -4.15 -8.49 -25.50
C PHE B 233 -5.64 -8.68 -25.31
N ALA B 234 -6.31 -7.64 -24.83
CA ALA B 234 -7.70 -7.78 -24.42
C ALA B 234 -8.71 -8.25 -25.50
N PRO B 235 -8.74 -7.62 -26.67
CA PRO B 235 -9.58 -8.17 -27.73
C PRO B 235 -9.38 -9.70 -27.98
N GLN B 236 -8.13 -10.17 -27.92
CA GLN B 236 -7.80 -11.57 -28.15
C GLN B 236 -8.53 -12.48 -27.18
N VAL B 237 -8.53 -12.04 -25.93
CA VAL B 237 -9.22 -12.76 -24.92
C VAL B 237 -10.71 -12.64 -25.12
N ALA B 238 -11.21 -11.45 -25.38
CA ALA B 238 -12.68 -11.26 -25.48
C ALA B 238 -13.32 -11.98 -26.67
N SER B 239 -12.56 -12.08 -27.75
CA SER B 239 -13.04 -12.80 -28.90
C SER B 239 -13.20 -14.32 -28.63
N ARG B 240 -12.60 -14.85 -27.58
CA ARG B 240 -12.84 -16.25 -27.20
C ARG B 240 -13.97 -16.35 -26.20
N GLY B 241 -14.67 -15.25 -25.95
CA GLY B 241 -15.85 -15.25 -25.09
C GLY B 241 -15.58 -15.20 -23.60
N VAL B 242 -14.39 -14.73 -23.25
CA VAL B 242 -13.96 -14.59 -21.89
C VAL B 242 -14.34 -13.18 -21.49
N PRO B 243 -14.89 -13.02 -20.29
CA PRO B 243 -15.33 -11.68 -19.94
C PRO B 243 -14.15 -10.75 -19.74
N VAL B 244 -14.38 -9.46 -20.00
CA VAL B 244 -13.36 -8.45 -19.83
C VAL B 244 -13.92 -7.30 -19.06
N ALA B 245 -13.27 -6.93 -17.95
CA ALA B 245 -13.71 -5.79 -17.15
C ALA B 245 -12.71 -4.64 -17.18
N GLU B 246 -13.17 -3.45 -17.57
CA GLU B 246 -12.32 -2.28 -17.58
C GLU B 246 -12.56 -1.51 -16.30
N PHE B 247 -11.48 -1.04 -15.68
CA PHE B 247 -11.58 -0.06 -14.60
C PHE B 247 -10.71 1.10 -14.99
N ASN B 248 -11.32 2.21 -15.33
CA ASN B 248 -10.55 3.38 -15.70
C ASN B 248 -11.42 4.56 -15.53
N MET B 249 -10.81 5.73 -15.57
CA MET B 249 -11.57 6.94 -15.50
C MET B 249 -11.12 7.68 -16.71
N GLU B 250 -11.03 6.97 -17.83
CA GLU B 250 -10.57 7.60 -19.06
C GLU B 250 -11.78 8.31 -19.65
N CYS B 251 -12.98 8.08 -19.08
CA CYS B 251 -14.18 8.76 -19.55
C CYS B 251 -14.57 8.18 -20.91
N THR B 252 -14.04 6.98 -21.19
CA THR B 252 -14.25 6.31 -22.49
C THR B 252 -15.70 6.57 -22.89
N PRO B 253 -15.93 7.13 -24.11
CA PRO B 253 -17.27 7.37 -24.62
C PRO B 253 -18.19 6.14 -24.50
N ALA B 254 -19.48 6.37 -24.27
CA ALA B 254 -20.48 5.30 -24.17
C ALA B 254 -20.20 4.17 -25.18
N THR B 255 -20.21 4.54 -26.47
CA THR B 255 -20.27 3.61 -27.63
C THR B 255 -19.15 2.56 -27.86
N GLN B 256 -18.05 2.55 -27.10
CA GLN B 256 -17.06 1.42 -27.24
C GLN B 256 -16.20 1.12 -25.98
N ARG B 257 -16.82 1.28 -24.83
CA ARG B 257 -16.39 0.55 -23.63
C ARG B 257 -16.64 -0.94 -23.92
N PHE B 258 -15.97 -1.85 -23.19
CA PHE B 258 -16.16 -3.30 -23.45
C PHE B 258 -17.12 -3.97 -22.46
N LYS B 259 -17.22 -5.29 -22.54
CA LYS B 259 -18.12 -6.08 -21.68
C LYS B 259 -18.58 -5.28 -20.43
N TYR B 260 -17.81 -5.29 -19.31
CA TYR B 260 -18.14 -4.51 -18.10
C TYR B 260 -17.21 -3.33 -17.93
N HIS B 261 -17.76 -2.19 -17.53
CA HIS B 261 -16.99 -0.97 -17.27
C HIS B 261 -17.33 -0.40 -15.90
N PHE B 262 -16.30 0.01 -15.17
CA PHE B 262 -16.48 0.70 -13.92
C PHE B 262 -15.67 2.01 -14.00
N GLU B 263 -16.40 3.09 -14.31
CA GLU B 263 -15.83 4.41 -14.46
C GLU B 263 -15.43 4.91 -13.09
N GLY B 264 -14.22 5.41 -12.99
CA GLY B 264 -13.76 5.97 -11.75
C GLY B 264 -12.30 5.65 -11.50
N PRO B 265 -11.75 6.22 -10.43
CA PRO B 265 -10.37 5.98 -10.07
C PRO B 265 -10.20 4.53 -9.67
N CYS B 266 -9.19 3.90 -10.24
CA CYS B 266 -8.84 2.53 -9.92
C CYS B 266 -8.77 2.24 -8.43
N GLY B 267 -8.12 3.16 -7.71
CA GLY B 267 -8.02 3.15 -6.27
C GLY B 267 -9.34 3.05 -5.55
N SER B 268 -10.42 3.57 -6.14
CA SER B 268 -11.76 3.45 -5.55
C SER B 268 -12.58 2.27 -6.03
N THR B 269 -12.48 2.00 -7.32
CA THR B 269 -13.35 1.03 -7.93
C THR B 269 -12.81 -0.34 -7.72
N LEU B 270 -11.52 -0.53 -7.95
CA LEU B 270 -10.99 -1.88 -8.03
C LEU B 270 -11.02 -2.67 -6.72
N PRO B 271 -10.73 -2.01 -5.58
CA PRO B 271 -10.61 -2.85 -4.39
C PRO B 271 -11.91 -3.53 -3.96
N PRO B 272 -13.06 -2.83 -4.07
CA PRO B 272 -14.32 -3.51 -3.77
C PRO B 272 -14.59 -4.60 -4.78
N ALA B 273 -14.07 -4.44 -5.98
CA ALA B 273 -14.32 -5.47 -6.97
C ALA B 273 -13.69 -6.79 -6.56
N LEU B 274 -12.50 -6.69 -5.96
CA LEU B 274 -11.65 -7.85 -5.74
C LEU B 274 -11.77 -8.47 -4.36
N GLU B 275 -12.31 -7.74 -3.39
CA GLU B 275 -12.41 -8.26 -2.01
C GLU B 275 -12.98 -9.64 -1.98
C BEZ C 1 -2.60 -2.70 36.70
O1 BEZ C 1 -2.07 -3.71 36.22
C1 BEZ C 1 -2.77 -2.60 38.08
C2 BEZ C 1 -3.82 -1.83 38.64
C3 BEZ C 1 -3.97 -1.73 39.99
C4 BEZ C 1 -3.04 -2.42 40.77
C5 BEZ C 1 -1.99 -3.20 40.26
C6 BEZ C 1 -1.85 -3.29 38.89
N GLY C 2 -2.96 -1.65 35.92
CA GLY C 2 -2.74 -1.71 34.45
C GLY C 2 -3.40 -0.46 33.93
N VAL C 3 -2.89 -0.04 32.78
CA VAL C 3 -3.23 1.22 32.19
C VAL C 3 -4.60 1.12 31.54
N LEU C 4 -5.54 1.92 31.99
CA LEU C 4 -6.87 1.90 31.40
C LEU C 4 -6.79 2.67 30.10
N LYS C 5 -7.35 2.08 29.03
CA LYS C 5 -7.36 2.69 27.72
C LYS C 5 -8.21 4.00 27.79
N GLU C 6 -7.75 5.04 27.10
CA GLU C 6 -8.30 6.40 27.21
C GLU C 6 -8.25 6.99 28.62
N TYR C 7 -7.56 6.28 29.52
CA TYR C 7 -7.52 6.57 30.95
C TYR C 7 -8.88 6.35 31.66
N GLY C 8 -9.73 5.46 31.12
CA GLY C 8 -11.06 5.20 31.68
C GLY C 8 -12.17 6.18 31.31
N VAL C 9 -11.81 7.32 30.71
CA VAL C 9 -12.75 8.44 30.45
C VAL C 9 -13.73 8.08 29.34
ZN ZN D . -9.61 -22.33 24.43
C1 EDO E . 3.46 -7.41 20.24
O1 EDO E . 4.79 -7.48 19.69
C2 EDO E . 2.46 -6.99 19.14
O2 EDO E . 1.28 -6.34 19.67
ZN ZN F . 28.53 -6.22 -20.17
N1 EPE G . 6.71 4.37 -23.69
C2 EPE G . 6.04 3.11 -23.40
C3 EPE G . 6.79 1.97 -24.05
N4 EPE G . 6.92 2.07 -25.51
C5 EPE G . 7.61 3.32 -25.83
C6 EPE G . 6.95 4.51 -25.15
C7 EPE G . 5.63 1.93 -26.19
C8 EPE G . 5.75 0.76 -27.17
O8 EPE G . 7.10 0.76 -27.67
C9 EPE G . 7.91 4.54 -22.84
C10 EPE G . 8.19 6.04 -22.95
S EPE G . 8.45 6.89 -21.55
O1S EPE G . 9.21 6.00 -20.62
O2S EPE G . 7.17 7.57 -21.17
O3S EPE G . 9.41 8.01 -21.77
S DMS H . 4.22 -5.69 1.06
O DMS H . 5.13 -6.27 0.00
C1 DMS H . 3.20 -6.83 1.88
C2 DMS H . 3.07 -4.62 0.43
C1 EDO I . 4.43 4.49 -18.04
O1 EDO I . 5.13 3.89 -19.16
C2 EDO I . 5.34 4.40 -16.84
O2 EDO I . 4.56 4.48 -15.67
NA NA J . 15.22 -11.86 -23.74
C1 EDO K . 9.29 -4.76 -0.47
O1 EDO K . 9.11 -4.35 -1.84
C2 EDO K . 9.50 -6.28 -0.37
O2 EDO K . 8.71 -7.02 -1.30
C NX6 L . -12.98 -0.95 19.69
N NX6 L . -11.14 0.64 19.32
O NX6 L . -13.27 -2.15 19.67
C1 NX6 L . -9.88 1.08 19.13
O1 NX6 L . -8.92 0.36 19.46
C2 NX6 L . -8.73 2.71 17.66
O2 NX6 L . -9.76 2.35 18.60
C3 NX6 L . -9.02 2.50 16.26
C4 NX6 L . -8.75 3.51 15.32
C5 NX6 L . -8.98 3.34 13.93
C6 NX6 L . -9.49 2.14 13.44
C7 NX6 L . -9.76 1.13 14.36
C8 NX6 L . -9.53 1.31 15.74
CA NX6 L . -11.49 -0.70 19.81
CB NX6 L . -11.14 -0.92 21.25
CG NX6 L . -11.38 0.36 22.01
OD2 NX6 L . -12.40 1.05 21.88
OXT NX6 L . -13.77 0.03 19.65
#